data_2AGN
# 
_entry.id   2AGN 
# 
_audit_conform.dict_name       mmcif_pdbx.dic 
_audit_conform.dict_version    5.387 
_audit_conform.dict_location   http://mmcif.pdb.org/dictionaries/ascii/mmcif_pdbx.dic 
# 
loop_
_database_2.database_id 
_database_2.database_code 
_database_2.pdbx_database_accession 
_database_2.pdbx_DOI 
PDB   2AGN         pdb_00002agn 10.2210/pdb2agn/pdb 
RCSB  RCSB033870   ?            ?                   
WWPDB D_1000033870 ?            ?                   
# 
loop_
_pdbx_audit_revision_history.ordinal 
_pdbx_audit_revision_history.data_content_type 
_pdbx_audit_revision_history.major_revision 
_pdbx_audit_revision_history.minor_revision 
_pdbx_audit_revision_history.revision_date 
1 'Structure model' 1 0 2006-07-25 
2 'Structure model' 1 1 2008-04-30 
3 'Structure model' 1 2 2011-07-13 
4 'Structure model' 1 3 2013-12-18 
5 'Structure model' 1 4 2019-12-18 
6 'Structure model' 1 5 2024-03-13 
# 
_pdbx_audit_revision_details.ordinal             1 
_pdbx_audit_revision_details.revision_ordinal    1 
_pdbx_audit_revision_details.data_content_type   'Structure model' 
_pdbx_audit_revision_details.provider            repository 
_pdbx_audit_revision_details.type                'Initial release' 
_pdbx_audit_revision_details.description         ? 
_pdbx_audit_revision_details.details             ? 
# 
loop_
_pdbx_audit_revision_group.ordinal 
_pdbx_audit_revision_group.revision_ordinal 
_pdbx_audit_revision_group.data_content_type 
_pdbx_audit_revision_group.group 
1 2 'Structure model' 'Version format compliance' 
2 3 'Structure model' 'Version format compliance' 
3 4 'Structure model' 'Structure summary'         
4 5 'Structure model' 'Data collection'           
5 5 'Structure model' 'Database references'       
6 5 'Structure model' 'Source and taxonomy'       
7 6 'Structure model' 'Data collection'           
8 6 'Structure model' 'Database references'       
9 6 'Structure model' 'Refinement description'    
# 
loop_
_pdbx_audit_revision_category.ordinal 
_pdbx_audit_revision_category.revision_ordinal 
_pdbx_audit_revision_category.data_content_type 
_pdbx_audit_revision_category.category 
1 5 'Structure model' database_2                    
2 5 'Structure model' em_image_scans                
3 5 'Structure model' em_software                   
4 5 'Structure model' pdbx_entity_src_syn           
5 6 'Structure model' chem_comp_atom                
6 6 'Structure model' chem_comp_bond                
7 6 'Structure model' database_2                    
8 6 'Structure model' em_3d_fitting_list            
9 6 'Structure model' pdbx_initial_refinement_model 
# 
loop_
_pdbx_audit_revision_item.ordinal 
_pdbx_audit_revision_item.revision_ordinal 
_pdbx_audit_revision_item.data_content_type 
_pdbx_audit_revision_item.item 
1 5 'Structure model' '_em_software.image_processing_id'                
2 6 'Structure model' '_database_2.pdbx_DOI'                            
3 6 'Structure model' '_database_2.pdbx_database_accession'             
4 6 'Structure model' '_em_3d_fitting_list.accession_code'              
5 6 'Structure model' '_em_3d_fitting_list.initial_refinement_model_id' 
6 6 'Structure model' '_em_3d_fitting_list.source_name'                 
7 6 'Structure model' '_em_3d_fitting_list.type'                        
# 
_pdbx_database_status.status_code                     REL 
_pdbx_database_status.entry_id                        2AGN 
_pdbx_database_status.recvd_initial_deposition_date   2005-07-27 
_pdbx_database_status.deposit_site                    RCSB 
_pdbx_database_status.process_site                    PDBJ 
_pdbx_database_status.status_code_sf                  ? 
_pdbx_database_status.status_code_mr                  ? 
_pdbx_database_status.SG_entry                        ? 
_pdbx_database_status.status_code_cs                  ? 
_pdbx_database_status.pdb_format_compatible           Y 
_pdbx_database_status.methods_development_category    ? 
_pdbx_database_status.status_code_nmr_data            ? 
# 
_pdbx_database_related.db_name        EMDB 
_pdbx_database_related.db_id          EMD-1138 
_pdbx_database_related.details        . 
_pdbx_database_related.content_type   'associated EM volume' 
# 
loop_
_audit_author.name 
_audit_author.pdbx_ordinal 
'Boehringer, D.'       1 
'Thermann, R.'         2 
'Ostareck-Lederer, A.' 3 
'Lewis, J.D.'          4 
'Stark, H.'            5 
# 
_citation.id                        primary 
_citation.title                     
'Structure of the hepatitis C Virus IRES bound to the human 80S ribosome: remodeling of the HCV IRES' 
_citation.journal_abbrev            Structure 
_citation.journal_volume            13 
_citation.page_first                1695 
_citation.page_last                 1706 
_citation.year                      2005 
_citation.journal_id_ASTM           STRUE6 
_citation.country                   UK 
_citation.journal_id_ISSN           0969-2126 
_citation.journal_id_CSD            2005 
_citation.book_publisher            ? 
_citation.pdbx_database_id_PubMed   16271893 
_citation.pdbx_database_id_DOI      10.1016/j.str.2005.08.008 
# 
loop_
_citation_author.citation_id 
_citation_author.name 
_citation_author.ordinal 
_citation_author.identifier_ORCID 
primary 'Boehringer, D.'       1 ? 
primary 'Thermann, R.'         2 ? 
primary 'Ostareck-Lederer, A.' 3 ? 
primary 'Lewis, J.D.'          4 ? 
primary 'Stark, H.'            5 ? 
# 
loop_
_entity.id 
_entity.type 
_entity.src_method 
_entity.pdbx_description 
_entity.formula_weight 
_entity.pdbx_number_of_molecules 
_entity.pdbx_ec 
_entity.pdbx_mutation 
_entity.pdbx_fragment 
_entity.details 
1 polymer syn 'HCV-1B IRES RNA SUB-DOMAIN IIID' 9450.667  1 ? ? ? ? 
2 polymer syn 'HCV IRES SUB-DOMAIN IIIB'        9595.754  1 ? ? ? ? 
3 polymer syn 'HCV IRES DOMAIN II'              24776.691 1 ? ? ? ? 
4 polymer syn '6 nt A-RNA helix'                4547.780  1 ? ? ? ? 
5 polymer syn 'HCV IRES IIIABC'                 17161.283 1 ? ? ? ? 
# 
loop_
_entity_poly.entity_id 
_entity_poly.type 
_entity_poly.nstd_linkage 
_entity_poly.nstd_monomer 
_entity_poly.pdbx_seq_one_letter_code 
_entity_poly.pdbx_seq_one_letter_code_can 
_entity_poly.pdbx_strand_id 
_entity_poly.pdbx_target_identifier 
1 polyribonucleotide no no GGCCGAGUAGUGUUGGGUCGCGAAAGGCC                                                 
GGCCGAGUAGUGUUGGGUCGCGAAAGGCC                                                 A ? 
2 polyribonucleotide no no GGCGCUCAAUGCUCUUCGGAGACGACCGCC                                                
GGCGCUCAAUGCUCUUCGGAGACGACCGCC                                                B ? 
3 polyribonucleotide no no GGCUGUGAGGAACUACUGUCUUCACGCAGAAAGCGUCUAGCCAUGGCGUUAGUAUGAGUGUCGUGCAGCCUCCAGCC 
GGCUGUGAGGAACUACUGUCUUCACGCAGAAAGCGUCUAGCCAUGGCGUUAGUAUGAGUGUCGUGCAGCCUCCAGCC C ? 
4 polyribonucleotide no no CCCGGGGCCCGGGG                                                                CCCGGGGCCCGGGG D ? 
5 polyribonucleotide no no GGCGGAACCGGUGAGUACACCGGAAUCCGAAAGGAUUUGGGCGUGCCCCCGCC                         
GGCGGAACCGGUGAGUACACCGGAAUCCGAAAGGAUUUGGGCGUGCCCCCGCC                         E ? 
# 
loop_
_entity_poly_seq.entity_id 
_entity_poly_seq.num 
_entity_poly_seq.mon_id 
_entity_poly_seq.hetero 
1 1  G n 
1 2  G n 
1 3  C n 
1 4  C n 
1 5  G n 
1 6  A n 
1 7  G n 
1 8  U n 
1 9  A n 
1 10 G n 
1 11 U n 
1 12 G n 
1 13 U n 
1 14 U n 
1 15 G n 
1 16 G n 
1 17 G n 
1 18 U n 
1 19 C n 
1 20 G n 
1 21 C n 
1 22 G n 
1 23 A n 
1 24 A n 
1 25 A n 
1 26 G n 
1 27 G n 
1 28 C n 
1 29 C n 
2 1  G n 
2 2  G n 
2 3  C n 
2 4  G n 
2 5  C n 
2 6  U n 
2 7  C n 
2 8  A n 
2 9  A n 
2 10 U n 
2 11 G n 
2 12 C n 
2 13 U n 
2 14 C n 
2 15 U n 
2 16 U n 
2 17 C n 
2 18 G n 
2 19 G n 
2 20 A n 
2 21 G n 
2 22 A n 
2 23 C n 
2 24 G n 
2 25 A n 
2 26 C n 
2 27 C n 
2 28 G n 
2 29 C n 
2 30 C n 
3 1  G n 
3 2  G n 
3 3  C n 
3 4  U n 
3 5  G n 
3 6  U n 
3 7  G n 
3 8  A n 
3 9  G n 
3 10 G n 
3 11 A n 
3 12 A n 
3 13 C n 
3 14 U n 
3 15 A n 
3 16 C n 
3 17 U n 
3 18 G n 
3 19 U n 
3 20 C n 
3 21 U n 
3 22 U n 
3 23 C n 
3 24 A n 
3 25 C n 
3 26 G n 
3 27 C n 
3 28 A n 
3 29 G n 
3 30 A n 
3 31 A n 
3 32 A n 
3 33 G n 
3 34 C n 
3 35 G n 
3 36 U n 
3 37 C n 
3 38 U n 
3 39 A n 
3 40 G n 
3 41 C n 
3 42 C n 
3 43 A n 
3 44 U n 
3 45 G n 
3 46 G n 
3 47 C n 
3 48 G n 
3 49 U n 
3 50 U n 
3 51 A n 
3 52 G n 
3 53 U n 
3 54 A n 
3 55 U n 
3 56 G n 
3 57 A n 
3 58 G n 
3 59 U n 
3 60 G n 
3 61 U n 
3 62 C n 
3 63 G n 
3 64 U n 
3 65 G n 
3 66 C n 
3 67 A n 
3 68 G n 
3 69 C n 
3 70 C n 
3 71 U n 
3 72 C n 
3 73 C n 
3 74 A n 
3 75 G n 
3 76 C n 
3 77 C n 
4 1  C n 
4 2  C n 
4 3  C n 
4 4  G n 
4 5  G n 
4 6  G n 
4 7  G n 
4 8  C n 
4 9  C n 
4 10 C n 
4 11 G n 
4 12 G n 
4 13 G n 
4 14 G n 
5 1  G n 
5 2  G n 
5 3  C n 
5 4  G n 
5 5  G n 
5 6  A n 
5 7  A n 
5 8  C n 
5 9  C n 
5 10 G n 
5 11 G n 
5 12 U n 
5 13 G n 
5 14 A n 
5 15 G n 
5 16 U n 
5 17 A n 
5 18 C n 
5 19 A n 
5 20 C n 
5 21 C n 
5 22 G n 
5 23 G n 
5 24 A n 
5 25 A n 
5 26 U n 
5 27 C n 
5 28 C n 
5 29 G n 
5 30 A n 
5 31 A n 
5 32 A n 
5 33 G n 
5 34 G n 
5 35 A n 
5 36 U n 
5 37 U n 
5 38 U n 
5 39 G n 
5 40 G n 
5 41 G n 
5 42 C n 
5 43 G n 
5 44 U n 
5 45 G n 
5 46 C n 
5 47 C n 
5 48 C n 
5 49 C n 
5 50 C n 
5 51 G n 
5 52 C n 
5 53 C n 
# 
loop_
_pdbx_entity_src_syn.entity_id 
_pdbx_entity_src_syn.pdbx_src_id 
_pdbx_entity_src_syn.pdbx_alt_source_flag 
_pdbx_entity_src_syn.pdbx_beg_seq_num 
_pdbx_entity_src_syn.pdbx_end_seq_num 
_pdbx_entity_src_syn.organism_scientific 
_pdbx_entity_src_syn.organism_common_name 
_pdbx_entity_src_syn.ncbi_taxonomy_id 
_pdbx_entity_src_syn.details 
1 1 sample ? ? 'synthetic construct' ? 32630 ? 
2 1 sample ? ? 'synthetic construct' ? 32630 ? 
3 1 sample ? ? 'synthetic construct' ? 32630 ? 
4 1 sample ? ? 'synthetic construct' ? 32630 ? 
5 1 sample ? ? 'synthetic construct' ? 32630 ? 
# 
loop_
_chem_comp.id 
_chem_comp.type 
_chem_comp.mon_nstd_flag 
_chem_comp.name 
_chem_comp.pdbx_synonyms 
_chem_comp.formula 
_chem_comp.formula_weight 
A 'RNA linking' y "ADENOSINE-5'-MONOPHOSPHATE" ? 'C10 H14 N5 O7 P' 347.221 
C 'RNA linking' y "CYTIDINE-5'-MONOPHOSPHATE"  ? 'C9 H14 N3 O8 P'  323.197 
G 'RNA linking' y "GUANOSINE-5'-MONOPHOSPHATE" ? 'C10 H14 N5 O8 P' 363.221 
U 'RNA linking' y "URIDINE-5'-MONOPHOSPHATE"   ? 'C9 H13 N2 O9 P'  324.181 
# 
loop_
_pdbx_poly_seq_scheme.asym_id 
_pdbx_poly_seq_scheme.entity_id 
_pdbx_poly_seq_scheme.seq_id 
_pdbx_poly_seq_scheme.mon_id 
_pdbx_poly_seq_scheme.ndb_seq_num 
_pdbx_poly_seq_scheme.pdb_seq_num 
_pdbx_poly_seq_scheme.auth_seq_num 
_pdbx_poly_seq_scheme.pdb_mon_id 
_pdbx_poly_seq_scheme.auth_mon_id 
_pdbx_poly_seq_scheme.pdb_strand_id 
_pdbx_poly_seq_scheme.pdb_ins_code 
_pdbx_poly_seq_scheme.hetero 
A 1 1  G 1  1  ?  ? ? A . n 
A 1 2  G 2  2  2  G G A . n 
A 1 3  C 3  3  3  C C A . n 
A 1 4  C 4  4  4  C C A . n 
A 1 5  G 5  5  5  G G A . n 
A 1 6  A 6  6  6  A A A . n 
A 1 7  G 7  7  7  G G A . n 
A 1 8  U 8  8  8  U U A . n 
A 1 9  A 9  9  9  A A A . n 
A 1 10 G 10 10 10 G G A . n 
A 1 11 U 11 11 11 U U A . n 
A 1 12 G 12 12 12 G G A . n 
A 1 13 U 13 13 13 U U A . n 
A 1 14 U 14 14 14 U U A . n 
A 1 15 G 15 15 15 G G A . n 
A 1 16 G 16 16 16 G G A . n 
A 1 17 G 17 17 17 G G A . n 
A 1 18 U 18 18 18 U U A . n 
A 1 19 C 19 19 19 C C A . n 
A 1 20 G 20 20 20 G G A . n 
A 1 21 C 21 21 21 C C A . n 
A 1 22 G 22 22 22 G G A . n 
A 1 23 A 23 23 23 A A A . n 
A 1 24 A 24 24 24 A A A . n 
A 1 25 A 25 25 25 A A A . n 
A 1 26 G 26 26 26 G G A . n 
A 1 27 G 27 27 27 G G A . n 
A 1 28 C 28 28 28 C C A . n 
A 1 29 C 29 29 29 C C A . n 
B 2 1  G 1  1  ?  ? ? B . n 
B 2 2  G 2  2  2  G G B . n 
B 2 3  C 3  3  3  C C B . n 
B 2 4  G 4  4  4  G G B . n 
B 2 5  C 5  5  5  C C B . n 
B 2 6  U 6  6  6  U U B . n 
B 2 7  C 7  7  7  C C B . n 
B 2 8  A 8  8  8  A A B . n 
B 2 9  A 9  9  9  A A B . n 
B 2 10 U 10 10 10 U U B . n 
B 2 11 G 11 11 11 G G B . n 
B 2 12 C 12 12 12 C C B . n 
B 2 13 U 13 13 13 U U B . n 
B 2 14 C 14 14 14 C C B . n 
B 2 15 U 15 15 ?  ? ? B . n 
B 2 16 U 16 16 ?  ? ? B . n 
B 2 17 C 17 17 ?  ? ? B . n 
B 2 18 G 18 18 ?  ? ? B . n 
B 2 19 G 19 19 19 G G B . n 
B 2 20 A 20 20 20 A A B . n 
B 2 21 G 21 21 21 G G B . n 
B 2 22 A 22 22 22 A A B . n 
B 2 23 C 23 23 23 C C B . n 
B 2 24 G 24 24 24 G G B . n 
B 2 25 A 25 25 25 A A B . n 
B 2 26 C 26 26 26 C C B . n 
B 2 27 C 27 27 27 C C B . n 
B 2 28 G 28 28 28 G G B . n 
B 2 29 C 29 29 29 C C B . n 
B 2 30 C 30 30 30 C C B . n 
C 3 1  G 1  1  ?  ? ? C . n 
C 3 2  G 2  2  2  G G C . n 
C 3 3  C 3  3  3  C C C . n 
C 3 4  U 4  4  4  U U C . n 
C 3 5  G 5  5  5  G G C . n 
C 3 6  U 6  6  6  U U C . n 
C 3 7  G 7  7  7  G G C . n 
C 3 8  A 8  8  8  A A C . n 
C 3 9  G 9  9  9  G G C . n 
C 3 10 G 10 10 10 G G C . n 
C 3 11 A 11 11 11 A A C . n 
C 3 12 A 12 12 12 A A C . n 
C 3 13 C 13 13 13 C C C . n 
C 3 14 U 14 14 14 U U C . n 
C 3 15 A 15 15 15 A A C . n 
C 3 16 C 16 16 16 C C C . n 
C 3 17 U 17 17 17 U U C . n 
C 3 18 G 18 18 18 G G C . n 
C 3 19 U 19 19 19 U U C . n 
C 3 20 C 20 20 20 C C C . n 
C 3 21 U 21 21 21 U U C . n 
C 3 22 U 22 22 22 U U C . n 
C 3 23 C 23 23 23 C C C . n 
C 3 24 A 24 24 24 A A C . n 
C 3 25 C 25 25 25 C C C . n 
C 3 26 G 26 26 26 G G C . n 
C 3 27 C 27 27 27 C C C . n 
C 3 28 A 28 28 28 A A C . n 
C 3 29 G 29 29 29 G G C . n 
C 3 30 A 30 30 30 A A C . n 
C 3 31 A 31 31 31 A A C . n 
C 3 32 A 32 32 32 A A C . n 
C 3 33 G 33 33 33 G G C . n 
C 3 34 C 34 34 34 C C C . n 
C 3 35 G 35 35 35 G G C . n 
C 3 36 U 36 36 36 U U C . n 
C 3 37 C 37 37 37 C C C . n 
C 3 38 U 38 38 38 U U C . n 
C 3 39 A 39 39 39 A A C . n 
C 3 40 G 40 40 40 G G C . n 
C 3 41 C 41 41 41 C C C . n 
C 3 42 C 42 42 42 C C C . n 
C 3 43 A 43 43 43 A A C . n 
C 3 44 U 44 44 44 U U C . n 
C 3 45 G 45 45 45 G G C . n 
C 3 46 G 46 46 46 G G C . n 
C 3 47 C 47 47 47 C C C . n 
C 3 48 G 48 48 48 G G C . n 
C 3 49 U 49 49 49 U U C . n 
C 3 50 U 50 50 50 U U C . n 
C 3 51 A 51 51 51 A A C . n 
C 3 52 G 52 52 52 G G C . n 
C 3 53 U 53 53 53 U U C . n 
C 3 54 A 54 54 54 A A C . n 
C 3 55 U 55 55 55 U U C . n 
C 3 56 G 56 56 56 G G C . n 
C 3 57 A 57 57 57 A A C . n 
C 3 58 G 58 58 58 G G C . n 
C 3 59 U 59 59 59 U U C . n 
C 3 60 G 60 60 60 G G C . n 
C 3 61 U 61 61 61 U U C . n 
C 3 62 C 62 62 62 C C C . n 
C 3 63 G 63 63 63 G G C . n 
C 3 64 U 64 64 64 U U C . n 
C 3 65 G 65 65 65 G G C . n 
C 3 66 C 66 66 66 C C C . n 
C 3 67 A 67 67 67 A A C . n 
C 3 68 G 68 68 68 G G C . n 
C 3 69 C 69 69 69 C C C . n 
C 3 70 C 70 70 70 C C C . n 
C 3 71 U 71 71 71 U U C . n 
C 3 72 C 72 72 72 C C C . n 
C 3 73 C 73 73 73 C C C . n 
C 3 74 A 74 74 74 A A C . n 
C 3 75 G 75 75 75 G G C . n 
C 3 76 C 76 76 76 C C C . n 
C 3 77 C 77 77 77 C C C . n 
D 4 1  C 1  2  2  C C D . n 
D 4 2  C 2  3  3  C C D . n 
D 4 3  C 3  4  4  C C D . n 
D 4 4  G 4  5  5  G G D . n 
D 4 5  G 5  6  6  G G D . n 
D 4 6  G 6  7  7  G G D . n 
D 4 7  G 7  8  8  G G D . n 
D 4 8  C 8  9  9  C C D . n 
D 4 9  C 9  10 10 C C D . n 
D 4 10 C 10 11 11 C C D . n 
D 4 11 G 11 12 12 G G D . n 
D 4 12 G 12 13 13 G G D . n 
D 4 13 G 13 14 14 G G D . n 
D 4 14 G 14 15 15 G G D . n 
E 5 1  G 1  1  ?  ? ? E . n 
E 5 2  G 2  2  2  G G E . n 
E 5 3  C 3  3  3  C C E . n 
E 5 4  G 4  4  4  G G E . n 
E 5 5  G 5  5  5  G G E . n 
E 5 6  A 6  6  6  A A E . n 
E 5 7  A 7  7  7  A A E . n 
E 5 8  C 8  8  8  C C E . n 
E 5 9  C 9  9  9  C C E . n 
E 5 10 G 10 10 10 G G E . n 
E 5 11 G 11 11 ?  ? ? E . n 
E 5 12 U 12 12 ?  ? ? E . n 
E 5 13 G 13 13 ?  ? ? E . n 
E 5 14 A 14 14 ?  ? ? E . n 
E 5 15 G 15 15 ?  ? ? E . n 
E 5 16 U 16 16 ?  ? ? E . n 
E 5 17 A 17 17 17 A A E . n 
E 5 18 C 18 18 18 C C E . n 
E 5 19 A 19 19 19 A A E . n 
E 5 20 C 20 20 20 C C E . n 
E 5 21 C 21 21 21 C C E . n 
E 5 22 G 22 22 22 G G E . n 
E 5 23 G 23 23 23 G G E . n 
E 5 24 A 24 24 24 A A E . n 
E 5 25 A 25 25 25 A A E . n 
E 5 26 U 26 26 26 U U E . n 
E 5 27 C 27 27 27 C C E . n 
E 5 28 C 28 28 28 C C E . n 
E 5 29 G 29 29 ?  ? ? E . n 
E 5 30 A 30 30 ?  ? ? E . n 
E 5 31 A 31 31 ?  ? ? E . n 
E 5 32 A 32 32 ?  ? ? E . n 
E 5 33 G 33 33 33 G G E . n 
E 5 34 G 34 34 34 G G E . n 
E 5 35 A 35 35 35 A A E . n 
E 5 36 U 36 36 36 U U E . n 
E 5 37 U 37 37 37 U U E . n 
E 5 38 U 38 38 38 U U E . n 
E 5 39 G 39 39 39 G G E . n 
E 5 40 G 40 40 40 G G E . n 
E 5 41 G 41 41 41 G G E . n 
E 5 42 C 42 42 42 C C E . n 
E 5 43 G 43 43 43 G G E . n 
E 5 44 U 44 44 ?  ? ? E . n 
E 5 45 G 45 45 45 G G E . n 
E 5 46 C 46 46 46 C C E . n 
E 5 47 C 47 47 47 C C E . n 
E 5 48 C 48 48 48 C C E . n 
E 5 49 C 49 49 49 C C E . n 
E 5 50 C 50 50 50 C C E . n 
E 5 51 G 51 51 51 G G E . n 
E 5 52 C 52 52 52 C C E . n 
E 5 53 C 53 53 ?  ? ? E . n 
# 
_cell.entry_id           2AGN 
_cell.length_a           1.000 
_cell.length_b           1.000 
_cell.length_c           1.000 
_cell.angle_alpha        90.00 
_cell.angle_beta         90.00 
_cell.angle_gamma        90.00 
_cell.Z_PDB              1 
_cell.pdbx_unique_axis   ? 
# 
_symmetry.entry_id                         2AGN 
_symmetry.space_group_name_H-M             'P 1' 
_symmetry.pdbx_full_space_group_name_H-M   ? 
_symmetry.cell_setting                     ? 
_symmetry.Int_Tables_number                1 
# 
_exptl.entry_id          2AGN 
_exptl.method            'ELECTRON MICROSCOPY' 
_exptl.crystals_number   ? 
# 
_exptl_crystal.id                    1 
_exptl_crystal.density_meas          ? 
_exptl_crystal.density_Matthews      ? 
_exptl_crystal.density_percent_sol   ? 
_exptl_crystal.description           ? 
# 
_diffrn.id                     1 
_diffrn.ambient_temp           ? 
_diffrn.ambient_temp_details   ? 
_diffrn.crystal_id             1 
# 
_diffrn_radiation.diffrn_id                        1 
_diffrn_radiation.wavelength_id                    1 
_diffrn_radiation.pdbx_monochromatic_or_laue_m_l   M 
_diffrn_radiation.monochromator                    ? 
_diffrn_radiation.pdbx_diffrn_protocol             'SINGLE WAVELENGTH' 
_diffrn_radiation.pdbx_scattering_type             x-ray 
# 
_diffrn_radiation_wavelength.id           1 
_diffrn_radiation_wavelength.wavelength   . 
_diffrn_radiation_wavelength.wt           1.0 
# 
_refine_hist.pdbx_refine_id                   'ELECTRON MICROSCOPY' 
_refine_hist.cycle_id                         LAST 
_refine_hist.pdbx_number_atoms_protein        0 
_refine_hist.pdbx_number_atoms_nucleic_acid   183 
_refine_hist.pdbx_number_atoms_ligand         0 
_refine_hist.number_atoms_solvent             0 
_refine_hist.number_atoms_total               183 
_refine_hist.d_res_high                       . 
_refine_hist.d_res_low                        . 
# 
_struct.entry_id                  2AGN 
_struct.title                     
;Fitting of hepatitis C virus internal ribosome entry site domains into the 15 A Cryo-EM map of a HCV IRES-80S ribosome (H. sapiens) complex
;
_struct.pdbx_model_details        ? 
_struct.pdbx_CASP_flag            ? 
_struct.pdbx_model_type_details   ? 
# 
_struct_keywords.entry_id        2AGN 
_struct_keywords.pdbx_keywords   RNA 
_struct_keywords.text            'HCV, IRES, RNA' 
# 
loop_
_struct_asym.id 
_struct_asym.pdbx_blank_PDB_chainid_flag 
_struct_asym.pdbx_modified 
_struct_asym.entity_id 
_struct_asym.details 
A N N 1 ? 
B N N 2 ? 
C N N 3 ? 
D N N 4 ? 
E N N 5 ? 
# 
loop_
_struct_ref.id 
_struct_ref.entity_id 
_struct_ref.db_name 
_struct_ref.db_code 
_struct_ref.pdbx_db_accession 
_struct_ref.pdbx_db_isoform 
_struct_ref.pdbx_seq_one_letter_code 
_struct_ref.pdbx_align_begin 
1 1 PDB 2AGN 2AGN ? ? ? 
2 2 PDB 2AGN 2AGN ? ? ? 
3 3 PDB 2AGN 2AGN ? ? ? 
4 4 PDB 2AGN 2AGN ? ? ? 
5 5 PDB 2AGN 2AGN ? ? ? 
# 
loop_
_struct_ref_seq.align_id 
_struct_ref_seq.ref_id 
_struct_ref_seq.pdbx_PDB_id_code 
_struct_ref_seq.pdbx_strand_id 
_struct_ref_seq.seq_align_beg 
_struct_ref_seq.pdbx_seq_align_beg_ins_code 
_struct_ref_seq.seq_align_end 
_struct_ref_seq.pdbx_seq_align_end_ins_code 
_struct_ref_seq.pdbx_db_accession 
_struct_ref_seq.db_align_beg 
_struct_ref_seq.pdbx_db_align_beg_ins_code 
_struct_ref_seq.db_align_end 
_struct_ref_seq.pdbx_db_align_end_ins_code 
_struct_ref_seq.pdbx_auth_seq_align_beg 
_struct_ref_seq.pdbx_auth_seq_align_end 
1 1 2AGN A 1 ? 29 ? 2AGN 1 ? 29 ? 1 29 
2 2 2AGN B 1 ? 30 ? 2AGN 1 ? 30 ? 1 30 
3 3 2AGN C 1 ? 77 ? 2AGN 1 ? 77 ? 1 77 
4 4 2AGN D 1 ? 14 ? 2AGN 2 ? 15 ? 2 15 
5 5 2AGN E 1 ? 53 ? 2AGN 1 ? 53 ? 1 53 
# 
_pdbx_struct_assembly.id                   1 
_pdbx_struct_assembly.details              author_defined_assembly 
_pdbx_struct_assembly.method_details       ? 
_pdbx_struct_assembly.oligomeric_details   pentameric 
_pdbx_struct_assembly.oligomeric_count     5 
# 
_pdbx_struct_assembly_gen.assembly_id       1 
_pdbx_struct_assembly_gen.oper_expression   1 
_pdbx_struct_assembly_gen.asym_id_list      A,B,C,D,E 
# 
_pdbx_struct_oper_list.id                   1 
_pdbx_struct_oper_list.type                 'identity operation' 
_pdbx_struct_oper_list.name                 1_555 
_pdbx_struct_oper_list.symmetry_operation   x,y,z 
_pdbx_struct_oper_list.matrix[1][1]         1.0000000000 
_pdbx_struct_oper_list.matrix[1][2]         0.0000000000 
_pdbx_struct_oper_list.matrix[1][3]         0.0000000000 
_pdbx_struct_oper_list.vector[1]            0.0000000000 
_pdbx_struct_oper_list.matrix[2][1]         0.0000000000 
_pdbx_struct_oper_list.matrix[2][2]         1.0000000000 
_pdbx_struct_oper_list.matrix[2][3]         0.0000000000 
_pdbx_struct_oper_list.vector[2]            0.0000000000 
_pdbx_struct_oper_list.matrix[3][1]         0.0000000000 
_pdbx_struct_oper_list.matrix[3][2]         0.0000000000 
_pdbx_struct_oper_list.matrix[3][3]         1.0000000000 
_pdbx_struct_oper_list.vector[3]            0.0000000000 
# 
_em_3d_fitting.id                1 
_em_3d_fitting.entry_id          2AGN 
_em_3d_fitting.ref_protocol      ? 
_em_3d_fitting.ref_space         REAL 
_em_3d_fitting.overall_b_value   ? 
_em_3d_fitting.target_criteria   ? 
_em_3d_fitting.details           ? 
_em_3d_fitting.method            ? 
# 
loop_
_em_3d_fitting_list.3d_fitting_id 
_em_3d_fitting_list.id 
_em_3d_fitting_list.pdb_entry_id 
_em_3d_fitting_list.pdb_chain_id 
_em_3d_fitting_list.details 
_em_3d_fitting_list.initial_refinement_model_id 
_em_3d_fitting_list.chain_id 
_em_3d_fitting_list.chain_residue_range 
_em_3d_fitting_list.pdb_chain_residue_range 
_em_3d_fitting_list.source_name 
_em_3d_fitting_list.type 
_em_3d_fitting_list.accession_code 
1 1 1P5P ? ? 1 ? ? ? PDB 'experimental model' 1P5P 
1 2 1F84 ? ? 2 ? ? ? PDB 'experimental model' 1F84 
1 3 1KH6 ? ? 3 ? ? ? PDB 'experimental model' 1KH6 
1 4 1KP7 ? ? 4 ? ? ? PDB 'experimental model' 1KP7 
# 
_em_3d_reconstruction.entry_id                    2AGN 
_em_3d_reconstruction.id                          1 
_em_3d_reconstruction.symmetry_type               POINT 
_em_3d_reconstruction.num_particles               24100 
_em_3d_reconstruction.image_processing_id         1 
_em_3d_reconstruction.method                      'angular reconstitution' 
_em_3d_reconstruction.nominal_pixel_size          3.6 
_em_3d_reconstruction.actual_pixel_size           3.6 
_em_3d_reconstruction.resolution                  15 
_em_3d_reconstruction.magnification_calibration   ? 
_em_3d_reconstruction.details                     'This entry contains only phosphorus atom in the coordinate.' 
_em_3d_reconstruction.resolution_method           ? 
_em_3d_reconstruction.num_class_averages          ? 
_em_3d_reconstruction.algorithm                   ? 
_em_3d_reconstruction.refinement_type             ? 
# 
_em_buffer.id            1 
_em_buffer.specimen_id   1 
_em_buffer.name          ? 
_em_buffer.pH            8.1 
_em_buffer.details       ? 
# 
_em_entity_assembly.id                   1 
_em_entity_assembly.name                 'HCV IRES-80S ribosome complex' 
_em_entity_assembly.type                 RIBOSOME 
_em_entity_assembly.parent_id            0 
_em_entity_assembly.synonym              ? 
_em_entity_assembly.details              ? 
_em_entity_assembly.oligomeric_details   ? 
# 
_em_imaging.entry_id                        2AGN 
_em_imaging.id                              1 
_em_imaging.microscope_model                'FEI/PHILIPS CM200FEG' 
_em_imaging.illumination_mode               'FLOOD BEAM' 
_em_imaging.electron_source                 'FIELD EMISSION GUN' 
_em_imaging.specimen_id                     1 
_em_imaging.date                            2003-10-01 
_em_imaging.temperature                     77 
_em_imaging.nominal_defocus_min             2000 
_em_imaging.nominal_defocus_max             4000 
_em_imaging.tilt_angle_min                  0 
_em_imaging.tilt_angle_max                  0 
_em_imaging.nominal_cs                      2 
_em_imaging.mode                            'BRIGHT FIELD' 
_em_imaging.nominal_magnification           50000 
_em_imaging.calibrated_magnification        50000 
_em_imaging.accelerating_voltage            200 
_em_imaging.details                         ? 
_em_imaging.specimen_holder_type            ? 
_em_imaging.specimen_holder_model           ? 
_em_imaging.citation_id                     ? 
_em_imaging.detector_distance               ? 
_em_imaging.recording_temperature_maximum   ? 
_em_imaging.recording_temperature_minimum   ? 
_em_imaging.astigmatism                     ? 
_em_imaging.electron_beam_tilt_params       ? 
# 
_em_sample_support.id               1 
_em_sample_support.specimen_id      1 
_em_sample_support.details          'perforated corbon foil on a copper grid' 
_em_sample_support.film_material    ? 
_em_sample_support.grid_material    ? 
_em_sample_support.grid_mesh_size   ? 
_em_sample_support.grid_type        ? 
_em_sample_support.method           ? 
# 
_em_vitrification.entry_id              2AGN 
_em_vitrification.id                    1 
_em_vitrification.cryogen_name          ETHANE 
_em_vitrification.details               'plunging into liquid ethane' 
_em_vitrification.citation_id           ? 
_em_vitrification.humidity              ? 
_em_vitrification.instrument            ? 
_em_vitrification.method                ? 
_em_vitrification.specimen_id           1 
_em_vitrification.temp                  ? 
_em_vitrification.time_resolved_state   ? 
# 
_em_experiment.entry_id                2AGN 
_em_experiment.id                      1 
_em_experiment.aggregation_state       PARTICLE 
_em_experiment.entity_assembly_id      1 
_em_experiment.reconstruction_method   'SINGLE PARTICLE' 
# 
_em_single_particle_entity.entry_id              2AGN 
_em_single_particle_entity.id                    1 
_em_single_particle_entity.point_symmetry        C1 
_em_single_particle_entity.image_processing_id   1 
# 
loop_
_pdbx_unobs_or_zero_occ_residues.id 
_pdbx_unobs_or_zero_occ_residues.PDB_model_num 
_pdbx_unobs_or_zero_occ_residues.polymer_flag 
_pdbx_unobs_or_zero_occ_residues.occupancy_flag 
_pdbx_unobs_or_zero_occ_residues.auth_asym_id 
_pdbx_unobs_or_zero_occ_residues.auth_comp_id 
_pdbx_unobs_or_zero_occ_residues.auth_seq_id 
_pdbx_unobs_or_zero_occ_residues.PDB_ins_code 
_pdbx_unobs_or_zero_occ_residues.label_asym_id 
_pdbx_unobs_or_zero_occ_residues.label_comp_id 
_pdbx_unobs_or_zero_occ_residues.label_seq_id 
1  1 Y 1 A G 1  ? A G 1  
2  1 Y 1 B G 1  ? B G 1  
3  1 Y 1 B U 15 ? B U 15 
4  1 Y 1 B U 16 ? B U 16 
5  1 Y 1 B C 17 ? B C 17 
6  1 Y 1 B G 18 ? B G 18 
7  1 Y 1 C G 1  ? C G 1  
8  1 Y 1 E G 1  ? E G 1  
9  1 Y 1 E G 11 ? E G 11 
10 1 Y 1 E U 12 ? E U 12 
11 1 Y 1 E G 13 ? E G 13 
12 1 Y 1 E A 14 ? E A 14 
13 1 Y 1 E G 15 ? E G 15 
14 1 Y 1 E U 16 ? E U 16 
15 1 Y 1 E G 29 ? E G 29 
16 1 Y 1 E A 30 ? E A 30 
17 1 Y 1 E A 31 ? E A 31 
18 1 Y 1 E A 32 ? E A 32 
19 1 Y 1 E U 44 ? E U 44 
20 1 Y 1 E C 53 ? E C 53 
# 
loop_
_chem_comp_atom.comp_id 
_chem_comp_atom.atom_id 
_chem_comp_atom.type_symbol 
_chem_comp_atom.pdbx_aromatic_flag 
_chem_comp_atom.pdbx_stereo_config 
_chem_comp_atom.pdbx_ordinal 
A OP3    O N N 1   
A P      P N N 2   
A OP1    O N N 3   
A OP2    O N N 4   
A "O5'"  O N N 5   
A "C5'"  C N N 6   
A "C4'"  C N R 7   
A "O4'"  O N N 8   
A "C3'"  C N S 9   
A "O3'"  O N N 10  
A "C2'"  C N R 11  
A "O2'"  O N N 12  
A "C1'"  C N R 13  
A N9     N Y N 14  
A C8     C Y N 15  
A N7     N Y N 16  
A C5     C Y N 17  
A C6     C Y N 18  
A N6     N N N 19  
A N1     N Y N 20  
A C2     C Y N 21  
A N3     N Y N 22  
A C4     C Y N 23  
A HOP3   H N N 24  
A HOP2   H N N 25  
A "H5'"  H N N 26  
A "H5''" H N N 27  
A "H4'"  H N N 28  
A "H3'"  H N N 29  
A "HO3'" H N N 30  
A "H2'"  H N N 31  
A "HO2'" H N N 32  
A "H1'"  H N N 33  
A H8     H N N 34  
A H61    H N N 35  
A H62    H N N 36  
A H2     H N N 37  
C OP3    O N N 38  
C P      P N N 39  
C OP1    O N N 40  
C OP2    O N N 41  
C "O5'"  O N N 42  
C "C5'"  C N N 43  
C "C4'"  C N R 44  
C "O4'"  O N N 45  
C "C3'"  C N S 46  
C "O3'"  O N N 47  
C "C2'"  C N R 48  
C "O2'"  O N N 49  
C "C1'"  C N R 50  
C N1     N N N 51  
C C2     C N N 52  
C O2     O N N 53  
C N3     N N N 54  
C C4     C N N 55  
C N4     N N N 56  
C C5     C N N 57  
C C6     C N N 58  
C HOP3   H N N 59  
C HOP2   H N N 60  
C "H5'"  H N N 61  
C "H5''" H N N 62  
C "H4'"  H N N 63  
C "H3'"  H N N 64  
C "HO3'" H N N 65  
C "H2'"  H N N 66  
C "HO2'" H N N 67  
C "H1'"  H N N 68  
C H41    H N N 69  
C H42    H N N 70  
C H5     H N N 71  
C H6     H N N 72  
G OP3    O N N 73  
G P      P N N 74  
G OP1    O N N 75  
G OP2    O N N 76  
G "O5'"  O N N 77  
G "C5'"  C N N 78  
G "C4'"  C N R 79  
G "O4'"  O N N 80  
G "C3'"  C N S 81  
G "O3'"  O N N 82  
G "C2'"  C N R 83  
G "O2'"  O N N 84  
G "C1'"  C N R 85  
G N9     N Y N 86  
G C8     C Y N 87  
G N7     N Y N 88  
G C5     C Y N 89  
G C6     C N N 90  
G O6     O N N 91  
G N1     N N N 92  
G C2     C N N 93  
G N2     N N N 94  
G N3     N N N 95  
G C4     C Y N 96  
G HOP3   H N N 97  
G HOP2   H N N 98  
G "H5'"  H N N 99  
G "H5''" H N N 100 
G "H4'"  H N N 101 
G "H3'"  H N N 102 
G "HO3'" H N N 103 
G "H2'"  H N N 104 
G "HO2'" H N N 105 
G "H1'"  H N N 106 
G H8     H N N 107 
G H1     H N N 108 
G H21    H N N 109 
G H22    H N N 110 
U OP3    O N N 111 
U P      P N N 112 
U OP1    O N N 113 
U OP2    O N N 114 
U "O5'"  O N N 115 
U "C5'"  C N N 116 
U "C4'"  C N R 117 
U "O4'"  O N N 118 
U "C3'"  C N S 119 
U "O3'"  O N N 120 
U "C2'"  C N R 121 
U "O2'"  O N N 122 
U "C1'"  C N R 123 
U N1     N N N 124 
U C2     C N N 125 
U O2     O N N 126 
U N3     N N N 127 
U C4     C N N 128 
U O4     O N N 129 
U C5     C N N 130 
U C6     C N N 131 
U HOP3   H N N 132 
U HOP2   H N N 133 
U "H5'"  H N N 134 
U "H5''" H N N 135 
U "H4'"  H N N 136 
U "H3'"  H N N 137 
U "HO3'" H N N 138 
U "H2'"  H N N 139 
U "HO2'" H N N 140 
U "H1'"  H N N 141 
U H3     H N N 142 
U H5     H N N 143 
U H6     H N N 144 
# 
loop_
_chem_comp_bond.comp_id 
_chem_comp_bond.atom_id_1 
_chem_comp_bond.atom_id_2 
_chem_comp_bond.value_order 
_chem_comp_bond.pdbx_aromatic_flag 
_chem_comp_bond.pdbx_stereo_config 
_chem_comp_bond.pdbx_ordinal 
A OP3   P      sing N N 1   
A OP3   HOP3   sing N N 2   
A P     OP1    doub N N 3   
A P     OP2    sing N N 4   
A P     "O5'"  sing N N 5   
A OP2   HOP2   sing N N 6   
A "O5'" "C5'"  sing N N 7   
A "C5'" "C4'"  sing N N 8   
A "C5'" "H5'"  sing N N 9   
A "C5'" "H5''" sing N N 10  
A "C4'" "O4'"  sing N N 11  
A "C4'" "C3'"  sing N N 12  
A "C4'" "H4'"  sing N N 13  
A "O4'" "C1'"  sing N N 14  
A "C3'" "O3'"  sing N N 15  
A "C3'" "C2'"  sing N N 16  
A "C3'" "H3'"  sing N N 17  
A "O3'" "HO3'" sing N N 18  
A "C2'" "O2'"  sing N N 19  
A "C2'" "C1'"  sing N N 20  
A "C2'" "H2'"  sing N N 21  
A "O2'" "HO2'" sing N N 22  
A "C1'" N9     sing N N 23  
A "C1'" "H1'"  sing N N 24  
A N9    C8     sing Y N 25  
A N9    C4     sing Y N 26  
A C8    N7     doub Y N 27  
A C8    H8     sing N N 28  
A N7    C5     sing Y N 29  
A C5    C6     sing Y N 30  
A C5    C4     doub Y N 31  
A C6    N6     sing N N 32  
A C6    N1     doub Y N 33  
A N6    H61    sing N N 34  
A N6    H62    sing N N 35  
A N1    C2     sing Y N 36  
A C2    N3     doub Y N 37  
A C2    H2     sing N N 38  
A N3    C4     sing Y N 39  
C OP3   P      sing N N 40  
C OP3   HOP3   sing N N 41  
C P     OP1    doub N N 42  
C P     OP2    sing N N 43  
C P     "O5'"  sing N N 44  
C OP2   HOP2   sing N N 45  
C "O5'" "C5'"  sing N N 46  
C "C5'" "C4'"  sing N N 47  
C "C5'" "H5'"  sing N N 48  
C "C5'" "H5''" sing N N 49  
C "C4'" "O4'"  sing N N 50  
C "C4'" "C3'"  sing N N 51  
C "C4'" "H4'"  sing N N 52  
C "O4'" "C1'"  sing N N 53  
C "C3'" "O3'"  sing N N 54  
C "C3'" "C2'"  sing N N 55  
C "C3'" "H3'"  sing N N 56  
C "O3'" "HO3'" sing N N 57  
C "C2'" "O2'"  sing N N 58  
C "C2'" "C1'"  sing N N 59  
C "C2'" "H2'"  sing N N 60  
C "O2'" "HO2'" sing N N 61  
C "C1'" N1     sing N N 62  
C "C1'" "H1'"  sing N N 63  
C N1    C2     sing N N 64  
C N1    C6     sing N N 65  
C C2    O2     doub N N 66  
C C2    N3     sing N N 67  
C N3    C4     doub N N 68  
C C4    N4     sing N N 69  
C C4    C5     sing N N 70  
C N4    H41    sing N N 71  
C N4    H42    sing N N 72  
C C5    C6     doub N N 73  
C C5    H5     sing N N 74  
C C6    H6     sing N N 75  
G OP3   P      sing N N 76  
G OP3   HOP3   sing N N 77  
G P     OP1    doub N N 78  
G P     OP2    sing N N 79  
G P     "O5'"  sing N N 80  
G OP2   HOP2   sing N N 81  
G "O5'" "C5'"  sing N N 82  
G "C5'" "C4'"  sing N N 83  
G "C5'" "H5'"  sing N N 84  
G "C5'" "H5''" sing N N 85  
G "C4'" "O4'"  sing N N 86  
G "C4'" "C3'"  sing N N 87  
G "C4'" "H4'"  sing N N 88  
G "O4'" "C1'"  sing N N 89  
G "C3'" "O3'"  sing N N 90  
G "C3'" "C2'"  sing N N 91  
G "C3'" "H3'"  sing N N 92  
G "O3'" "HO3'" sing N N 93  
G "C2'" "O2'"  sing N N 94  
G "C2'" "C1'"  sing N N 95  
G "C2'" "H2'"  sing N N 96  
G "O2'" "HO2'" sing N N 97  
G "C1'" N9     sing N N 98  
G "C1'" "H1'"  sing N N 99  
G N9    C8     sing Y N 100 
G N9    C4     sing Y N 101 
G C8    N7     doub Y N 102 
G C8    H8     sing N N 103 
G N7    C5     sing Y N 104 
G C5    C6     sing N N 105 
G C5    C4     doub Y N 106 
G C6    O6     doub N N 107 
G C6    N1     sing N N 108 
G N1    C2     sing N N 109 
G N1    H1     sing N N 110 
G C2    N2     sing N N 111 
G C2    N3     doub N N 112 
G N2    H21    sing N N 113 
G N2    H22    sing N N 114 
G N3    C4     sing N N 115 
U OP3   P      sing N N 116 
U OP3   HOP3   sing N N 117 
U P     OP1    doub N N 118 
U P     OP2    sing N N 119 
U P     "O5'"  sing N N 120 
U OP2   HOP2   sing N N 121 
U "O5'" "C5'"  sing N N 122 
U "C5'" "C4'"  sing N N 123 
U "C5'" "H5'"  sing N N 124 
U "C5'" "H5''" sing N N 125 
U "C4'" "O4'"  sing N N 126 
U "C4'" "C3'"  sing N N 127 
U "C4'" "H4'"  sing N N 128 
U "O4'" "C1'"  sing N N 129 
U "C3'" "O3'"  sing N N 130 
U "C3'" "C2'"  sing N N 131 
U "C3'" "H3'"  sing N N 132 
U "O3'" "HO3'" sing N N 133 
U "C2'" "O2'"  sing N N 134 
U "C2'" "C1'"  sing N N 135 
U "C2'" "H2'"  sing N N 136 
U "O2'" "HO2'" sing N N 137 
U "C1'" N1     sing N N 138 
U "C1'" "H1'"  sing N N 139 
U N1    C2     sing N N 140 
U N1    C6     sing N N 141 
U C2    O2     doub N N 142 
U C2    N3     sing N N 143 
U N3    C4     sing N N 144 
U N3    H3     sing N N 145 
U C4    O4     doub N N 146 
U C4    C5     sing N N 147 
U C5    C6     doub N N 148 
U C5    H5     sing N N 149 
U C6    H6     sing N N 150 
# 
_em_ctf_correction.id                       1 
_em_ctf_correction.details                  'phase reversal' 
_em_ctf_correction.type                     . 
_em_ctf_correction.em_image_processing_id   ? 
# 
_em_image_processing.id                   1 
_em_image_processing.image_recording_id   1 
_em_image_processing.details              ? 
# 
_em_image_recording.details                       'Kodak SO-163' 
_em_image_recording.id                            1 
_em_image_recording.avg_electron_dose_per_image   20 
_em_image_recording.film_or_detector_model        'GENERIC FILM' 
_em_image_recording.imaging_id                    1 
_em_image_recording.detector_mode                 ? 
_em_image_recording.average_exposure_time         ? 
_em_image_recording.num_diffraction_images        ? 
_em_image_recording.num_grids_imaged              ? 
_em_image_recording.num_real_images               ? 
# 
loop_
_em_software.id 
_em_software.name 
_em_software.version 
_em_software.category 
_em_software.details 
_em_software.image_processing_id 
1 IMAGIC ?   RECONSTRUCTION  ? 1 
2 Amira  2.3 'MODEL FITTING' ? ? 
# 
_em_specimen.experiment_id           1 
_em_specimen.id                      1 
_em_specimen.concentration           ? 
_em_specimen.vitrification_applied   YES 
_em_specimen.staining_applied        NO 
_em_specimen.embedding_applied       NO 
_em_specimen.shadowing_applied       NO 
_em_specimen.details                 ? 
# 
loop_
_pdbx_coordinate_model.asym_id 
_pdbx_coordinate_model.type 
A 'P ATOMS ONLY' 
B 'P ATOMS ONLY' 
C 'P ATOMS ONLY' 
D 'P ATOMS ONLY' 
E 'P ATOMS ONLY' 
# 
loop_
_pdbx_initial_refinement_model.id 
_pdbx_initial_refinement_model.type 
_pdbx_initial_refinement_model.source_name 
_pdbx_initial_refinement_model.accession_code 
1 'experimental model' PDB 1P5P 
2 'experimental model' PDB 1F84 
3 'experimental model' PDB 1KH6 
4 'experimental model' PDB 1KP7 
# 
_atom_sites.entry_id                    2AGN 
_atom_sites.fract_transf_matrix[1][1]   1.000000 
_atom_sites.fract_transf_matrix[1][2]   0.000000 
_atom_sites.fract_transf_matrix[1][3]   0.000000 
_atom_sites.fract_transf_matrix[2][1]   0.000000 
_atom_sites.fract_transf_matrix[2][2]   1.000000 
_atom_sites.fract_transf_matrix[2][3]   0.000000 
_atom_sites.fract_transf_matrix[3][1]   0.000000 
_atom_sites.fract_transf_matrix[3][2]   0.000000 
_atom_sites.fract_transf_matrix[3][3]   1.000000 
_atom_sites.fract_transf_vector[1]      0.00000 
_atom_sites.fract_transf_vector[2]      0.00000 
_atom_sites.fract_transf_vector[3]      0.00000 
# 
_atom_type.symbol   P 
# 
loop_
_atom_site.group_PDB 
_atom_site.id 
_atom_site.type_symbol 
_atom_site.label_atom_id 
_atom_site.label_alt_id 
_atom_site.label_comp_id 
_atom_site.label_asym_id 
_atom_site.label_entity_id 
_atom_site.label_seq_id 
_atom_site.pdbx_PDB_ins_code 
_atom_site.Cartn_x 
_atom_site.Cartn_y 
_atom_site.Cartn_z 
_atom_site.occupancy 
_atom_site.B_iso_or_equiv 
_atom_site.pdbx_formal_charge 
_atom_site.auth_seq_id 
_atom_site.auth_comp_id 
_atom_site.auth_asym_id 
_atom_site.auth_atom_id 
_atom_site.pdbx_PDB_model_num 
ATOM 1   P P . G A 1 2  ? -18.834  14.995  6.213   1.00 0.00   ? 2  G A P 1 
ATOM 2   P P . C A 1 3  ? -16.617  19.931  7.932   1.00 0.00   ? 3  C A P 1 
ATOM 3   P P . C A 1 4  ? -12.397  22.910  11.080  1.00 0.00   ? 4  C A P 1 
ATOM 4   P P . G A 1 5  ? -6.157   22.548  14.263  1.00 0.00   ? 5  G A P 1 
ATOM 5   P P . A A 1 6  ? -1.674   19.852  11.958  1.00 0.00   ? 6  A A P 1 
ATOM 6   P P . G A 1 7  ? -3.952   25.787  9.204   1.00 0.00   ? 7  G A P 1 
ATOM 7   P P . U A 1 8  ? -1.521   26.401  4.803   1.00 0.00   ? 8  U A P 1 
ATOM 8   P P . A A 1 9  ? 3.153    21.380  4.855   1.00 0.00   ? 9  A A P 1 
ATOM 9   P P . G A 1 10 ? 4.588    17.224  2.990   1.00 0.00   ? 10 G A P 1 
ATOM 10  P P . U A 1 11 ? 3.631    15.249  -2.916  1.00 0.00   ? 11 U A P 1 
ATOM 11  P P . G A 1 12 ? 1.223    16.291  -8.629  1.00 0.00   ? 12 G A P 1 
ATOM 12  P P . U A 1 13 ? 1.886    19.610  -12.777 1.00 0.00   ? 13 U A P 1 
ATOM 13  P P . U A 1 14 ? 4.664    22.857  -16.205 1.00 0.00   ? 14 U A P 1 
ATOM 14  P P . G A 1 15 ? 10.175   25.574  -12.920 1.00 0.00   ? 15 G A P 1 
ATOM 15  P P . G A 1 16 ? 12.631   31.463  -10.633 1.00 0.00   ? 16 G A P 1 
ATOM 16  P P . G A 1 17 ? 6.966    34.935  -7.651  1.00 0.00   ? 17 G A P 1 
ATOM 17  P P . U A 1 18 ? 9.960    29.822  -3.088  1.00 0.00   ? 18 U A P 1 
ATOM 18  P P . C A 1 19 ? 4.109    30.643  0.196   1.00 0.00   ? 19 C A P 1 
ATOM 19  P P . G A 1 20 ? -0.934   30.873  -1.429  1.00 0.00   ? 20 G A P 1 
ATOM 20  P P . C A 1 21 ? -6.472   28.809  -3.354  1.00 0.00   ? 21 C A P 1 
ATOM 21  P P . G A 1 22 ? -9.098   22.943  -4.351  1.00 0.00   ? 22 G A P 1 
ATOM 22  P P . A A 1 23 ? -9.340   18.808  -0.326  1.00 0.00   ? 23 A A P 1 
ATOM 23  P P . A A 1 24 ? -10.293  14.526  4.018   1.00 0.00   ? 24 A A P 1 
ATOM 24  P P . A A 1 25 ? -9.678   9.439   8.004   1.00 0.00   ? 25 A A P 1 
ATOM 25  P P . G A 1 26 ? -7.561   5.629   12.276  1.00 0.00   ? 26 G A P 1 
ATOM 26  P P . G A 1 27 ? -7.522   7.108   18.004  1.00 0.00   ? 27 G A P 1 
ATOM 27  P P . C A 1 28 ? -10.827  11.337  21.984  1.00 0.00   ? 28 C A P 1 
ATOM 28  P P . C A 1 29 ? -14.702  16.232  23.058  1.00 0.00   ? 29 C A P 1 
ATOM 29  P P . G B 2 2  ? -102.770 38.046  3.258   1.00 4.86   ? 2  G B P 1 
ATOM 30  P P . C B 2 3  ? -98.914  36.828  7.693   1.00 4.13   ? 3  C B P 1 
ATOM 31  P P . G B 2 4  ? -94.460  33.733  9.726   1.00 3.40   ? 4  G B P 1 
ATOM 32  P P . C B 2 5  ? -90.991  28.761  8.376   1.00 2.75   ? 5  C B P 1 
ATOM 33  P P . U B 2 6  ? -88.064  24.990  5.304   1.00 2.28   ? 6  U B P 1 
ATOM 34  P P . C B 2 7  ? -85.580  23.349  -0.100  1.00 1.82   ? 7  C B P 1 
ATOM 35  P P . A B 2 8  ? -84.612  24.889  -6.068  1.00 1.66   ? 8  A B P 1 
ATOM 36  P P . A B 2 9  ? -84.275  27.984  -9.986  1.00 1.43   ? 9  A B P 1 
ATOM 37  P P . U B 2 10 ? -78.963  26.548  -5.990  1.00 1.52   ? 10 U B P 1 
ATOM 38  P P . G B 2 11 ? -75.185  32.124  -7.274  1.00 1.19   ? 11 G B P 1 
ATOM 39  P P . C B 2 12 ? -77.731  34.914  -11.186 1.00 1.06   ? 12 C B P 1 
ATOM 40  P P . U B 2 13 ? -79.241  40.304  -12.438 1.00 1.35   ? 13 U B P 1 
ATOM 41  P P . C B 2 14 ? -78.036  46.051  -11.459 1.00 1.87   ? 14 C B P 1 
ATOM 42  P P . G B 2 19 ? -67.518  38.876  -0.178  1.00 2.66   ? 19 G B P 1 
ATOM 43  P P . A B 2 20 ? -72.451  40.782  3.726   1.00 2.28   ? 20 A B P 1 
ATOM 44  P P . G B 2 21 ? -77.832  43.467  4.415   1.00 2.30   ? 21 G B P 1 
ATOM 45  P P . A B 2 22 ? -83.382  43.598  3.324   1.00 2.45   ? 22 A B P 1 
ATOM 46  P P . C B 2 23 ? -88.673  41.495  0.367   1.00 2.47   ? 23 C B P 1 
ATOM 47  P P . G B 2 24 ? -92.080  38.350  -3.541  1.00 2.17   ? 24 G B P 1 
ATOM 48  P P . A B 2 25 ? -96.095  35.362  -5.914  1.00 1.94   ? 25 A B P 1 
ATOM 49  P P . C B 2 26 ? -98.983  29.738  -6.402  1.00 1.69   ? 26 C B P 1 
ATOM 50  P P . C B 2 27 ? -100.673 24.827  -5.208  1.00 1.33   ? 27 C B P 1 
ATOM 51  P P . G B 2 28 ? -101.552 21.785  0.649   1.00 1.78   ? 28 G B P 1 
ATOM 52  P P . C B 2 29 ? -103.025 20.306  5.526   1.00 3.04   ? 29 C B P 1 
ATOM 53  P P . C B 2 30 ? -106.060 22.369  10.240  1.00 4.41   ? 30 C B P 1 
ATOM 54  P P . G C 3 2  ? 47.019   -16.188 28.483  1.00 4.61   ? 2  G C P 1 
ATOM 55  P P . C C 3 3  ? 48.577   -21.727 24.655  1.00 4.05   ? 3  C C P 1 
ATOM 56  P P . U C 3 4  ? 51.356   -23.629 19.974  1.00 3.19   ? 4  U C P 1 
ATOM 57  P P . G C 3 5  ? 56.838   -22.976 16.745  1.00 2.39   ? 5  G C P 1 
ATOM 58  P P . U C 3 6  ? 59.808   -17.915 13.044  1.00 2.80   ? 6  U C P 1 
ATOM 59  P P . G C 3 7  ? 66.306   -20.141 14.052  1.00 2.83   ? 7  G C P 1 
ATOM 60  P P . A C 3 8  ? 69.129   -19.307 18.025  1.00 2.47   ? 8  A C P 1 
ATOM 61  P P . G C 3 9  ? 72.897   -17.935 22.016  1.00 2.63   ? 9  G C P 1 
ATOM 62  P P . G C 3 10 ? 75.393   -19.446 26.869  1.00 2.87   ? 10 G C P 1 
ATOM 63  P P . A C 3 11 ? 76.306   -24.772 30.551  1.00 3.15   ? 11 A C P 1 
ATOM 64  P P . A C 3 12 ? 74.805   -30.806 32.764  1.00 3.17   ? 12 A C P 1 
ATOM 65  P P . C C 3 13 ? 71.349   -36.171 29.984  1.00 3.26   ? 13 C C P 1 
ATOM 66  P P . U C 3 14 ? 71.428   -37.314 23.120  1.00 3.97   ? 14 U C P 1 
ATOM 67  P P . A C 3 15 ? 72.216   -44.233 25.212  1.00 2.12   ? 15 A C P 1 
ATOM 68  P P . C C 3 16 ? 68.026   -46.054 28.431  1.00 1.88   ? 16 C C P 1 
ATOM 69  P P . U C 3 17 ? 62.091   -46.087 27.908  1.00 1.90   ? 17 U C P 1 
ATOM 70  P P . G C 3 18 ? 57.958   -45.337 24.200  1.00 1.81   ? 18 G C P 1 
ATOM 71  P P . U C 3 19 ? 55.652   -43.929 18.082  1.00 1.83   ? 19 U C P 1 
ATOM 72  P P . C C 3 20 ? 57.531   -41.816 12.540  1.00 1.86   ? 20 C C P 1 
ATOM 73  P P . U C 3 21 ? 60.722   -41.224 8.114   1.00 1.94   ? 21 U C P 1 
ATOM 74  P P . U C 3 22 ? 65.063   -44.331 4.764   1.00 1.99   ? 22 U C P 1 
ATOM 75  P P . C C 3 23 ? 68.901   -49.064 3.626   1.00 2.09   ? 23 C C P 1 
ATOM 76  P P . A C 3 24 ? 70.312   -54.216 3.478   1.00 2.18   ? 24 A C P 1 
ATOM 77  P P . C C 3 25 ? 67.545   -60.317 3.594   1.00 2.21   ? 25 C C P 1 
ATOM 78  P P . G C 3 26 ? 62.669   -64.203 5.208   1.00 2.10   ? 26 G C P 1 
ATOM 79  P P . C C 3 27 ? 56.521   -64.094 3.557   1.00 2.29   ? 27 C C P 1 
ATOM 80  P P . A C 3 28 ? 50.365   -62.959 1.624   1.00 2.23   ? 28 A C P 1 
ATOM 81  P P . G C 3 29 ? 47.110   -59.228 -2.833  1.00 1.75   ? 29 G C P 1 
ATOM 82  P P . A C 3 30 ? 46.710   -55.791 -8.078  1.00 1.50   ? 30 A C P 1 
ATOM 83  P P . A C 3 31 ? 47.014   -53.425 -13.167 1.00 1.45   ? 31 A C P 1 
ATOM 84  P P . A C 3 32 ? 48.543   -49.615 -17.945 1.00 1.70   ? 32 A C P 1 
ATOM 85  P P . G C 3 33 ? 51.066   -47.978 -23.094 1.00 2.01   ? 33 G C P 1 
ATOM 86  P P . C C 3 34 ? 53.980   -51.308 -27.272 1.00 1.93   ? 34 C C P 1 
ATOM 87  P P . G C 3 35 ? 54.227   -55.690 -30.104 1.00 1.80   ? 35 G C P 1 
ATOM 88  P P . U C 3 36 ? 50.506   -59.975 -33.169 1.00 1.85   ? 36 U C P 1 
ATOM 89  P P . C C 3 37 ? 44.986   -63.266 -33.653 1.00 2.05   ? 37 C C P 1 
ATOM 90  P P . U C 3 38 ? 39.171   -64.481 -33.236 1.00 2.43   ? 38 U C P 1 
ATOM 91  P P . A C 3 39 ? 34.689   -61.292 -34.806 1.00 2.90   ? 39 A C P 1 
ATOM 92  P P . G C 3 40 ? 29.609   -57.678 -36.374 1.00 3.67   ? 40 G C P 1 
ATOM 93  P P . C C 3 41 ? 33.284   -54.265 -41.876 1.00 4.59   ? 41 C C P 1 
ATOM 94  P P . C C 3 42 ? 38.254   -50.333 -41.128 1.00 3.97   ? 42 C C P 1 
ATOM 95  P P . A C 3 43 ? 38.848   -46.647 -35.682 1.00 3.86   ? 43 A C P 1 
ATOM 96  P P . U C 3 44 ? 39.220   -46.441 -30.136 1.00 3.69   ? 44 U C P 1 
ATOM 97  P P . G C 3 45 ? 38.285   -49.548 -23.806 1.00 2.88   ? 45 G C P 1 
ATOM 98  P P . G C 3 46 ? 37.445   -54.732 -21.467 1.00 2.24   ? 46 G C P 1 
ATOM 99  P P . C C 3 47 ? 39.485   -60.299 -19.927 1.00 1.49   ? 47 C C P 1 
ATOM 100 P P . G C 3 48 ? 43.435   -64.174 -19.019 1.00 1.32   ? 48 G C P 1 
ATOM 101 P P . U C 3 49 ? 49.676   -65.345 -17.767 1.00 1.44   ? 49 U C P 1 
ATOM 102 P P . U C 3 50 ? 55.658   -62.974 -17.450 1.00 1.72   ? 50 U C P 1 
ATOM 103 P P . A C 3 51 ? 58.484   -58.134 -15.568 1.00 1.73   ? 51 A C P 1 
ATOM 104 P P . G C 3 52 ? 57.123   -64.552 -12.116 1.00 1.89   ? 52 G C P 1 
ATOM 105 P P . U C 3 53 ? 57.888   -60.860 -6.786  1.00 1.96   ? 53 U C P 1 
ATOM 106 P P . A C 3 54 ? 61.692   -56.233 -8.005  1.00 1.96   ? 54 A C P 1 
ATOM 107 P P . U C 3 55 ? 61.863   -50.915 -6.326  1.00 1.93   ? 55 U C P 1 
ATOM 108 P P . G C 3 56 ? 58.993   -48.350 -1.667  1.00 1.63   ? 56 G C P 1 
ATOM 109 P P . A C 3 57 ? 54.799   -47.819 3.129   1.00 1.29   ? 57 A C P 1 
ATOM 110 P P . G C 3 58 ? 53.442   -49.384 7.694   1.00 1.43   ? 58 G C P 1 
ATOM 111 P P . U C 3 59 ? 55.809   -52.489 13.428  1.00 1.60   ? 59 U C P 1 
ATOM 112 P P . G C 3 60 ? 58.781   -54.484 17.019  1.00 1.78   ? 60 G C P 1 
ATOM 113 P P . U C 3 61 ? 64.503   -53.523 19.421  1.00 1.86   ? 61 U C P 1 
ATOM 114 P P . C C 3 62 ? 70.151   -50.808 18.005  1.00 2.02   ? 62 C C P 1 
ATOM 115 P P . G C 3 63 ? 73.672   -46.856 16.852  1.00 2.20   ? 63 G C P 1 
ATOM 116 P P . U C 3 64 ? 75.808   -40.549 14.316  1.00 2.62   ? 64 U C P 1 
ATOM 117 P P . G C 3 65 ? 73.831   -35.967 19.108  1.00 2.50   ? 65 G C P 1 
ATOM 118 P P . C C 3 66 ? 70.031   -34.077 17.942  1.00 2.27   ? 66 C C P 1 
ATOM 119 P P . A C 3 67 ? 65.553   -30.654 17.523  1.00 2.13   ? 67 A C P 1 
ATOM 120 P P . G C 3 68 ? 61.060   -29.347 21.071  1.00 1.86   ? 68 G C P 1 
ATOM 121 P P . C C 3 69 ? 59.732   -28.982 26.356  1.00 1.51   ? 69 C C P 1 
ATOM 122 P P . C C 3 70 ? 59.989   -27.004 31.554  1.00 1.86   ? 70 C C P 1 
ATOM 123 P P . U C 3 71 ? 61.073   -22.179 34.253  1.00 2.24   ? 71 U C P 1 
ATOM 124 P P . C C 3 72 ? 61.807   -16.031 33.072  1.00 2.10   ? 72 C C P 1 
ATOM 125 P P . C C 3 73 ? 62.322   -10.884 29.557  1.00 1.82   ? 73 C C P 1 
ATOM 126 P P . A C 3 74 ? 61.536   -8.349  24.170  1.00 1.85   ? 74 A C P 1 
ATOM 127 P P . G C 3 75 ? 59.203   -7.842  18.502  1.00 2.55   ? 75 G C P 1 
ATOM 128 P P . C C 3 76 ? 54.067   -9.767  13.952  1.00 3.65   ? 76 C C P 1 
ATOM 129 P P . C C 3 77 ? 49.875   -13.438 10.707  1.00 5.10   ? 77 C C P 1 
ATOM 130 P P . C D 4 1  ? -25.781  11.413  3.779   1.00 29.90  ? 2  C D P 1 
ATOM 131 P P . C D 4 2  ? -29.731  10.596  7.810   1.00 26.21  ? 3  C D P 1 
ATOM 132 P P . C D 4 3  ? -32.835  12.054  12.031  1.00 26.89  ? 4  C D P 1 
ATOM 133 P P . G D 4 4  ? -34.961  16.447  15.261  1.00 27.03  ? 5  G D P 1 
ATOM 134 P P . G D 4 5  ? -37.267  21.696  15.461  1.00 27.64  ? 6  G D P 1 
ATOM 135 P P . G D 4 6  ? -37.837  26.864  12.742  1.00 20.55  ? 7  G D P 1 
ATOM 136 P P . G D 4 7  ? -37.657  30.847  8.220   1.00 21.30  ? 8  G D P 1 
ATOM 137 P P . C D 4 8  ? -27.768  20.430  -0.734  1.00 29.90  ? 9  C D P 1 
ATOM 138 P P . C D 4 9  ? -24.953  24.460  2.155   1.00 26.21  ? 10 C D P 1 
ATOM 139 P P . C D 4 10 ? -23.275  27.043  6.637   1.00 26.89  ? 11 C D P 1 
ATOM 140 P P . G D 4 11 ? -22.630  26.852  12.451  1.00 27.03  ? 12 G D P 1 
ATOM 141 P P . G D 4 12 ? -21.120  23.856  17.105  1.00 27.64  ? 13 G D P 1 
ATOM 142 P P . G D 4 13 ? -20.490  18.518  19.460  1.00 20.55  ? 14 G D P 1 
ATOM 143 P P . G D 4 14 ? -19.958  12.516  19.632  1.00 21.30  ? 15 G D P 1 
ATOM 144 P P . G E 5 2  ? -35.995  21.508  1.958   1.00 55.40  ? 2  G E P 1 
ATOM 145 P P . C E 5 3  ? -38.370  21.282  -3.406  1.00 54.26  ? 3  C E P 1 
ATOM 146 P P . G E 5 4  ? -39.801  23.443  -8.494  1.00 48.34  ? 4  G E P 1 
ATOM 147 P P . G E 5 5  ? -39.948  27.743  -12.241 1.00 45.15  ? 5  G E P 1 
ATOM 148 P P . A E 5 6  ? -38.931  33.868  -14.363 1.00 47.24  ? 6  A E P 1 
ATOM 149 P P . A E 5 7  ? -42.110  35.131  -19.542 1.00 68.61  ? 7  A E P 1 
ATOM 150 P P . C E 5 8  ? -44.103  35.214  -24.251 1.00 69.89  ? 8  C E P 1 
ATOM 151 P P . C E 5 9  ? -46.073  38.593  -29.006 1.00 86.73  ? 9  C E P 1 
ATOM 152 P P . G E 5 10 ? -45.451  44.127  -32.061 1.00 102.40 ? 10 G E P 1 
ATOM 153 P P . A E 5 17 ? -33.989  41.244  -29.722 1.00 120.40 ? 17 A E P 1 
ATOM 154 P P . C E 5 18 ? -34.733  40.965  -24.244 1.00 111.90 ? 18 C E P 1 
ATOM 155 P P . A E 5 19 ? -35.606  44.966  -18.426 1.00 105.40 ? 19 A E P 1 
ATOM 156 P P . C E 5 20 ? -37.048  48.895  -16.047 1.00 102.10 ? 20 C E P 1 
ATOM 157 P P . C E 5 21 ? -41.044  53.635  -16.606 1.00 96.49  ? 21 C E P 1 
ATOM 158 P P . G E 5 22 ? -47.112  54.163  -18.592 1.00 92.15  ? 22 G E P 1 
ATOM 159 P P . G E 5 23 ? -51.927  51.358  -20.042 1.00 89.91  ? 23 G E P 1 
ATOM 160 P P . A E 5 24 ? -55.556  47.109  -21.393 1.00 80.70  ? 24 A E P 1 
ATOM 161 P P . A E 5 25 ? -55.515  41.382  -19.381 1.00 69.23  ? 25 A E P 1 
ATOM 162 P P . U E 5 26 ? -54.726  37.166  -15.087 1.00 63.56  ? 26 U E P 1 
ATOM 163 P P . C E 5 27 ? -54.604  36.395  -9.737  1.00 57.87  ? 27 C E P 1 
ATOM 164 P P . C E 5 28 ? -56.507  37.950  -4.379  1.00 53.48  ? 28 C E P 1 
ATOM 165 P P . G E 5 33 ? -62.881  54.697  -9.707  1.00 45.08  ? 33 G E P 1 
ATOM 166 P P . G E 5 34 ? -56.816  54.932  -7.264  1.00 50.62  ? 34 G E P 1 
ATOM 167 P P . A E 5 35 ? -51.620  52.544  -5.577  1.00 54.51  ? 35 A E P 1 
ATOM 168 P P . U E 5 36 ? -46.857  49.027  -5.819  1.00 49.62  ? 36 U E P 1 
ATOM 169 P P . U E 5 37 ? -42.944  45.248  -8.509  1.00 40.59  ? 37 U E P 1 
ATOM 170 P P . U E 5 38 ? -40.369  42.638  -13.436 1.00 34.40  ? 38 U E P 1 
ATOM 171 P P . G E 5 39 ? -37.285  38.457  -16.732 1.00 40.16  ? 39 G E P 1 
ATOM 172 P P . G E 5 40 ? -32.511  39.248  -13.769 1.00 37.02  ? 40 G E P 1 
ATOM 173 P P . G E 5 41 ? -27.717  41.507  -11.422 1.00 45.52  ? 41 G E P 1 
ATOM 174 P P . C E 5 42 ? -22.058  39.298  -8.890  1.00 39.55  ? 42 C E P 1 
ATOM 175 P P . G E 5 43 ? -17.466  35.923  -7.228  1.00 44.56  ? 43 G E P 1 
ATOM 176 P P . G E 5 45 ? -28.421  22.679  -7.127  1.00 42.98  ? 45 G E P 1 
ATOM 177 P P . C E 5 46 ? -28.272  24.721  -2.086  1.00 44.38  ? 46 C E P 1 
ATOM 178 P P . C E 5 47 ? -28.866  29.844  1.421   1.00 38.37  ? 47 C E P 1 
ATOM 179 P P . C E 5 48 ? -30.896  35.109  2.405   1.00 37.92  ? 48 C E P 1 
ATOM 180 P P . C E 5 49 ? -34.664  38.889  1.612   1.00 35.50  ? 49 C E P 1 
ATOM 181 P P . C E 5 50 ? -39.973  40.037  -0.423  1.00 36.13  ? 50 C E P 1 
ATOM 182 P P . G E 5 51 ? -45.099  38.563  -1.751  1.00 40.97  ? 51 G E P 1 
ATOM 183 P P . C E 5 52 ? -49.208  34.414  -1.854  1.00 42.73  ? 52 C E P 1 
# 
